data_7LFN
#
_entry.id   7LFN
#
_cell.length_a   49.483
_cell.length_b   79.253
_cell.length_c   141.321
_cell.angle_alpha   90.000
_cell.angle_beta   90.000
_cell.angle_gamma   90.000
#
_symmetry.space_group_name_H-M   'P 21 21 21'
#
loop_
_entity.id
_entity.type
_entity.pdbx_description
1 polymer 'IgG1 Fc (Fc267_329)'
2 branched alpha-D-mannopyranose-(1-3)-[alpha-D-mannopyranose-(1-6)]beta-D-mannopyranose-(1-4)-2-acetamido-2-deoxy-beta-D-glucopyranose-(1-4)-[alpha-L-fucopyranose-(1-6)]2-acetamido-2-deoxy-beta-D-glucopyranose
3 branched beta-D-galactopyranose-(1-4)-2-acetamido-2-deoxy-beta-D-glucopyranose-(1-2)-alpha-D-mannopyranose-(1-6)-[alpha-D-mannopyranose-(1-3)]beta-D-mannopyranose-(1-4)-2-acetamido-2-deoxy-beta-D-glucopyranose-(1-4)-2-acetamido-2-deoxy-beta-D-glucopyranose
4 non-polymer alpha-L-fucopyranose
5 non-polymer 2-acetamido-2-deoxy-beta-D-glucopyranose
#
_entity_poly.entity_id   1
_entity_poly.type   'polypeptide(L)'
_entity_poly.pdbx_seq_one_letter_code
;GEPKSCDKTHTCPPCPAPELLGGPSVFLFPPKPKDTLMISRTPEVTCVVVDVNSTDPEVKFNWYVDGVEVHNAKTKPREE
QYNSTYRVVSVLTVLHQDWLNGKEYKCKVSNKALNSTIEKTISKAKGQPREPQVYTLPPSREEMTKNQVSLTCLVKGFYP
SDIAVEWESNGQPENNYKTTPPVLDSDGSFFLYSKLTVDKSRWQQGNVFSCSVMHEALHNHYTQKSLSLSPGK
;
_entity_poly.pdbx_strand_id   A,B
#
loop_
_chem_comp.id
_chem_comp.type
_chem_comp.name
_chem_comp.formula
BMA D-saccharide, beta linking beta-D-mannopyranose 'C6 H12 O6'
FUC L-saccharide, alpha linking alpha-L-fucopyranose 'C6 H12 O5'
GAL D-saccharide, beta linking beta-D-galactopyranose 'C6 H12 O6'
MAN D-saccharide, alpha linking alpha-D-mannopyranose 'C6 H12 O6'
NAG D-saccharide, beta linking 2-acetamido-2-deoxy-beta-D-glucopyranose 'C8 H15 N O6'
#
# COMPACT_ATOMS: atom_id res chain seq x y z
N GLY A 23 12.67 17.53 -22.33
CA GLY A 23 12.43 18.73 -21.56
C GLY A 23 12.35 18.45 -20.07
N PRO A 24 11.83 19.42 -19.28
CA PRO A 24 11.86 19.25 -17.81
C PRO A 24 10.54 18.76 -17.23
N SER A 25 10.60 18.17 -16.03
CA SER A 25 9.46 17.57 -15.35
C SER A 25 9.17 18.28 -14.04
N VAL A 26 7.90 18.36 -13.69
CA VAL A 26 7.46 19.00 -12.44
C VAL A 26 6.70 17.98 -11.60
N PHE A 27 6.92 18.03 -10.29
CA PHE A 27 6.25 17.18 -9.34
C PHE A 27 5.74 18.02 -8.18
N LEU A 28 4.55 17.69 -7.67
CA LEU A 28 3.86 18.49 -6.67
C LEU A 28 3.38 17.59 -5.54
N PHE A 29 3.84 17.84 -4.30
CA PHE A 29 3.67 16.92 -3.18
C PHE A 29 2.77 17.47 -2.08
N PRO A 30 1.80 16.68 -1.60
CA PRO A 30 0.81 17.19 -0.63
C PRO A 30 1.43 17.43 0.73
N PRO A 31 0.75 18.12 1.62
CA PRO A 31 1.20 18.17 3.01
C PRO A 31 1.05 16.80 3.65
N LYS A 32 1.72 16.61 4.77
CA LYS A 32 1.59 15.36 5.48
C LYS A 32 0.24 15.33 6.19
N PRO A 33 -0.38 14.16 6.32
CA PRO A 33 -1.69 14.11 7.00
C PRO A 33 -1.63 14.79 8.34
N LYS A 34 -0.69 14.39 9.19
CA LYS A 34 -0.54 14.97 10.52
C LYS A 34 -0.45 16.49 10.44
N ASP A 35 0.08 17.02 9.32
CA ASP A 35 0.36 18.45 9.21
C ASP A 35 -0.91 19.26 9.13
N THR A 36 -1.92 18.77 8.42
CA THR A 36 -3.12 19.56 8.22
C THR A 36 -4.07 19.47 9.39
N LEU A 37 -3.86 18.53 10.30
CA LEU A 37 -4.85 18.19 11.31
C LEU A 37 -4.58 18.87 12.66
N MET A 38 -3.52 19.66 12.78
CA MET A 38 -3.13 20.25 14.05
C MET A 38 -2.71 21.69 13.81
N ILE A 39 -3.46 22.65 14.38
CA ILE A 39 -3.25 24.07 14.12
C ILE A 39 -1.80 24.44 14.40
N SER A 40 -1.12 23.63 15.23
CA SER A 40 0.23 23.94 15.69
C SER A 40 1.30 23.51 14.70
N ARG A 41 0.99 22.66 13.76
CA ARG A 41 1.98 22.27 12.77
C ARG A 41 1.82 23.13 11.50
N THR A 42 2.62 22.82 10.48
CA THR A 42 2.82 23.71 9.33
C THR A 42 2.69 22.88 8.07
N PRO A 43 1.48 22.76 7.50
CA PRO A 43 1.32 21.99 6.27
C PRO A 43 1.91 22.73 5.08
N GLU A 44 2.64 22.02 4.25
CA GLU A 44 3.28 22.66 3.11
C GLU A 44 3.06 21.83 1.84
N VAL A 45 2.87 22.52 0.72
CA VAL A 45 2.82 21.89 -0.59
C VAL A 45 4.14 22.20 -1.27
N THR A 46 4.79 21.16 -1.82
CA THR A 46 6.13 21.32 -2.38
C THR A 46 6.09 21.02 -3.87
N CYS A 47 6.61 21.94 -4.66
CA CYS A 47 6.70 21.78 -6.10
C CYS A 47 8.18 21.66 -6.48
N VAL A 48 8.50 20.64 -7.27
CA VAL A 48 9.87 20.31 -7.61
C VAL A 48 10.00 20.24 -9.12
N VAL A 49 10.94 21.00 -9.68
CA VAL A 49 11.33 20.85 -11.08
C VAL A 49 12.63 20.09 -11.12
N VAL A 50 12.68 19.02 -11.92
CA VAL A 50 13.91 18.30 -12.22
C VAL A 50 14.16 18.36 -13.73
N ASP A 51 15.38 17.97 -14.15
CA ASP A 51 15.77 17.99 -15.57
C ASP A 51 15.71 19.40 -16.16
N VAL A 52 16.22 20.37 -15.42
CA VAL A 52 16.41 21.71 -15.94
C VAL A 52 17.75 21.73 -16.67
N ASN A 53 17.71 22.07 -17.96
CA ASN A 53 18.93 22.07 -18.76
C ASN A 53 19.93 23.07 -18.18
N SER A 54 21.17 22.62 -18.02
CA SER A 54 22.14 23.38 -17.23
C SER A 54 22.63 24.63 -17.93
N THR A 55 22.37 24.81 -19.23
CA THR A 55 22.60 26.08 -19.92
C THR A 55 21.41 27.00 -19.74
N ASP A 56 21.66 28.23 -19.30
CA ASP A 56 20.56 29.18 -19.02
C ASP A 56 19.46 28.48 -18.23
N PRO A 57 19.67 28.26 -16.93
CA PRO A 57 18.70 27.46 -16.18
C PRO A 57 17.78 28.31 -15.30
N GLU A 58 17.40 29.50 -15.79
CA GLU A 58 16.55 30.43 -15.04
C GLU A 58 15.09 29.97 -15.15
N VAL A 59 14.49 29.60 -14.01
CA VAL A 59 13.09 29.18 -14.01
C VAL A 59 12.29 30.05 -13.04
N LYS A 60 10.97 29.95 -13.18
CA LYS A 60 9.97 30.79 -12.51
C LYS A 60 8.94 29.86 -11.90
N PHE A 61 8.45 30.17 -10.69
CA PHE A 61 7.29 29.48 -10.14
C PHE A 61 6.12 30.44 -10.02
N ASN A 62 4.94 29.98 -10.40
CA ASN A 62 3.70 30.70 -10.14
C ASN A 62 2.74 29.79 -9.41
N TRP A 63 2.11 30.32 -8.37
CA TRP A 63 1.29 29.52 -7.48
C TRP A 63 -0.15 30.00 -7.46
N TYR A 64 -1.08 29.07 -7.56
CA TYR A 64 -2.49 29.37 -7.64
C TYR A 64 -3.26 28.53 -6.62
N VAL A 65 -4.12 29.19 -5.85
CA VAL A 65 -5.06 28.50 -4.97
C VAL A 65 -6.44 28.74 -5.54
N ASP A 66 -7.12 27.67 -5.93
CA ASP A 66 -8.43 27.76 -6.60
C ASP A 66 -8.37 28.61 -7.87
N GLY A 67 -7.24 28.60 -8.55
CA GLY A 67 -7.11 29.38 -9.76
C GLY A 67 -6.72 30.83 -9.56
N VAL A 68 -6.69 31.38 -8.33
CA VAL A 68 -6.26 32.76 -8.11
C VAL A 68 -4.82 32.76 -7.60
N GLU A 69 -3.99 33.60 -8.19
CA GLU A 69 -2.57 33.56 -7.91
C GLU A 69 -2.29 34.10 -6.51
N VAL A 70 -1.26 33.53 -5.89
CA VAL A 70 -0.79 33.93 -4.57
C VAL A 70 0.73 34.02 -4.66
N HIS A 71 1.35 34.75 -3.73
CA HIS A 71 2.74 35.13 -3.90
C HIS A 71 3.60 34.87 -2.67
N ASN A 72 3.14 34.01 -1.77
CA ASN A 72 3.87 33.73 -0.53
C ASN A 72 4.74 32.47 -0.59
N ALA A 73 4.88 31.81 -1.73
CA ALA A 73 5.74 30.62 -1.74
C ALA A 73 7.17 31.01 -1.47
N LYS A 74 7.97 30.04 -1.05
CA LYS A 74 9.36 30.30 -0.71
C LYS A 74 10.20 29.34 -1.55
N THR A 75 10.99 29.90 -2.50
CA THR A 75 11.69 29.13 -3.51
C THR A 75 13.18 29.07 -3.19
N LYS A 76 13.73 27.87 -3.16
CA LYS A 76 15.15 27.68 -2.90
C LYS A 76 15.99 28.00 -4.14
N PRO A 77 17.27 28.29 -3.98
CA PRO A 77 18.16 28.42 -5.13
C PRO A 77 18.21 27.10 -5.89
N ARG A 78 18.36 27.19 -7.19
CA ARG A 78 18.49 25.97 -7.96
C ARG A 78 19.76 25.26 -7.52
N GLU A 79 19.73 23.93 -7.49
CA GLU A 79 20.85 23.13 -7.04
C GLU A 79 21.20 22.16 -8.16
N GLU A 80 22.46 22.18 -8.59
CA GLU A 80 22.92 21.26 -9.63
C GLU A 80 22.97 19.83 -9.13
N GLN A 81 22.33 18.94 -9.88
CA GLN A 81 22.33 17.51 -9.62
C GLN A 81 23.53 16.82 -10.26
N TYR A 82 23.69 15.53 -9.95
CA TYR A 82 24.81 14.77 -10.47
C TYR A 82 24.49 14.09 -11.80
N ASN A 83 23.58 14.65 -12.58
CA ASN A 83 23.35 14.11 -13.91
C ASN A 83 23.24 15.23 -14.96
N SER A 84 24.01 16.30 -14.81
CA SER A 84 24.08 17.41 -15.78
C SER A 84 22.77 18.20 -15.86
N THR A 85 21.93 18.09 -14.85
CA THR A 85 20.64 18.80 -14.78
C THR A 85 20.52 19.56 -13.47
N TYR A 86 19.65 20.57 -13.48
CA TYR A 86 19.38 21.36 -12.29
C TYR A 86 18.00 21.05 -11.73
N ARG A 87 17.88 21.25 -10.43
CA ARG A 87 16.66 20.98 -9.69
C ARG A 87 16.27 22.23 -8.93
N VAL A 88 14.99 22.60 -8.97
CA VAL A 88 14.51 23.74 -8.20
C VAL A 88 13.25 23.31 -7.44
N VAL A 89 13.15 23.79 -6.20
CA VAL A 89 12.13 23.39 -5.25
C VAL A 89 11.46 24.64 -4.74
N SER A 90 10.13 24.62 -4.68
CA SER A 90 9.34 25.76 -4.22
C SER A 90 8.31 25.25 -3.23
N VAL A 91 8.30 25.81 -2.03
CA VAL A 91 7.45 25.37 -0.94
C VAL A 91 6.40 26.42 -0.67
N LEU A 92 5.11 26.05 -0.82
CA LEU A 92 3.99 26.90 -0.42
C LEU A 92 3.42 26.47 0.93
N THR A 93 3.33 27.42 1.86
CA THR A 93 2.66 27.21 3.12
C THR A 93 1.14 27.34 2.92
N VAL A 94 0.40 26.44 3.56
CA VAL A 94 -1.01 26.21 3.29
C VAL A 94 -1.80 26.47 4.57
N LEU A 95 -2.95 27.13 4.46
CA LEU A 95 -3.84 27.19 5.61
C LEU A 95 -4.48 25.83 5.85
N HIS A 96 -4.45 25.37 7.12
CA HIS A 96 -5.00 24.06 7.43
C HIS A 96 -6.38 23.90 6.83
N GLN A 97 -7.26 24.87 7.10
CA GLN A 97 -8.66 24.72 6.73
C GLN A 97 -8.87 24.90 5.24
N ASP A 98 -8.00 25.70 4.59
CA ASP A 98 -7.94 25.73 3.13
C ASP A 98 -7.76 24.32 2.59
N TRP A 99 -6.80 23.58 3.13
CA TRP A 99 -6.56 22.23 2.63
C TRP A 99 -7.76 21.33 2.89
N LEU A 100 -8.20 21.24 4.14
CA LEU A 100 -9.27 20.28 4.45
C LEU A 100 -10.58 20.68 3.78
N ASN A 101 -10.69 21.94 3.33
CA ASN A 101 -11.81 22.39 2.52
C ASN A 101 -11.62 22.12 1.04
N GLY A 102 -10.57 21.40 0.66
CA GLY A 102 -10.43 20.97 -0.70
C GLY A 102 -9.99 22.02 -1.69
N LYS A 103 -9.30 23.05 -1.25
CA LYS A 103 -8.82 24.06 -2.18
C LYS A 103 -7.75 23.47 -3.07
N GLU A 104 -7.68 23.96 -4.29
CA GLU A 104 -6.79 23.42 -5.31
C GLU A 104 -5.52 24.23 -5.43
N TYR A 105 -4.40 23.55 -5.36
CA TYR A 105 -3.07 24.16 -5.39
C TYR A 105 -2.40 23.85 -6.74
N LYS A 106 -2.26 24.86 -7.58
CA LYS A 106 -1.55 24.73 -8.85
C LYS A 106 -0.16 25.35 -8.77
N CYS A 107 0.85 24.55 -9.11
CA CYS A 107 2.21 25.01 -9.36
C CYS A 107 2.45 25.12 -10.86
N LYS A 108 2.68 26.34 -11.36
CA LYS A 108 3.12 26.58 -12.73
C LYS A 108 4.62 26.88 -12.76
N VAL A 109 5.37 26.17 -13.60
CA VAL A 109 6.82 26.34 -13.74
C VAL A 109 7.15 26.75 -15.17
N SER A 110 7.81 27.87 -15.32
CA SER A 110 8.19 28.39 -16.63
C SER A 110 9.71 28.42 -16.73
N ASN A 111 10.22 28.21 -17.95
CA ASN A 111 11.61 28.49 -18.27
C ASN A 111 11.69 29.75 -19.13
N LYS A 112 12.66 30.64 -18.85
CA LYS A 112 12.75 31.88 -19.63
C LYS A 112 13.26 31.68 -21.06
N ALA A 113 14.00 30.60 -21.33
CA ALA A 113 14.61 30.43 -22.64
C ALA A 113 13.63 29.85 -23.64
N LEU A 114 13.14 28.64 -23.38
CA LEU A 114 11.98 28.13 -24.09
C LEU A 114 10.75 28.71 -23.44
N ASN A 115 9.85 29.31 -24.22
CA ASN A 115 8.72 29.98 -23.58
C ASN A 115 7.77 29.04 -22.87
N SER A 116 7.81 27.73 -23.15
CA SER A 116 6.80 26.83 -22.62
C SER A 116 6.79 26.84 -21.07
N THR A 117 5.78 26.17 -20.51
CA THR A 117 5.56 26.07 -19.08
C THR A 117 5.05 24.67 -18.75
N ILE A 118 5.27 24.24 -17.51
CA ILE A 118 4.71 23.01 -16.98
C ILE A 118 3.93 23.35 -15.72
N GLU A 119 2.81 22.66 -15.51
CA GLU A 119 2.03 22.95 -14.33
C GLU A 119 1.40 21.68 -13.83
N LYS A 120 1.27 21.56 -12.50
CA LYS A 120 0.60 20.43 -11.86
C LYS A 120 -0.42 20.92 -10.82
N THR A 121 -1.39 20.06 -10.50
CA THR A 121 -2.42 20.45 -9.56
C THR A 121 -2.68 19.36 -8.52
N ILE A 122 -2.66 19.75 -7.26
CA ILE A 122 -2.88 18.86 -6.14
C ILE A 122 -4.02 19.42 -5.31
N SER A 123 -4.69 18.54 -4.57
CA SER A 123 -5.72 18.89 -3.61
C SER A 123 -6.05 17.64 -2.80
N LYS A 124 -6.71 17.84 -1.67
CA LYS A 124 -7.22 16.70 -0.93
C LYS A 124 -8.20 15.92 -1.80
N ALA A 125 -8.21 14.60 -1.61
CA ALA A 125 -9.11 13.72 -2.34
C ALA A 125 -10.56 14.15 -2.19
N LYS A 126 -11.33 14.13 -3.28
CA LYS A 126 -12.69 14.67 -3.24
C LYS A 126 -13.67 13.62 -2.74
N GLY A 127 -14.69 14.08 -2.00
CA GLY A 127 -15.64 13.14 -1.44
C GLY A 127 -15.99 13.44 0.00
N GLN A 128 -17.12 12.90 0.49
CA GLN A 128 -17.63 13.26 1.80
C GLN A 128 -16.84 12.55 2.90
N PRO A 129 -16.29 13.29 3.88
CA PRO A 129 -15.43 12.66 4.89
C PRO A 129 -16.20 11.73 5.79
N ARG A 130 -15.54 10.66 6.20
CA ARG A 130 -16.18 9.60 6.97
C ARG A 130 -15.32 9.28 8.17
N GLU A 131 -15.98 9.11 9.33
CA GLU A 131 -15.24 8.98 10.56
C GLU A 131 -14.68 7.57 10.70
N PRO A 132 -13.41 7.43 11.05
CA PRO A 132 -12.84 6.10 11.26
C PRO A 132 -13.37 5.45 12.53
N GLN A 133 -13.54 4.14 12.46
CA GLN A 133 -13.74 3.32 13.64
C GLN A 133 -12.39 2.75 14.05
N VAL A 134 -12.15 2.69 15.35
CA VAL A 134 -10.89 2.20 15.88
C VAL A 134 -11.19 1.08 16.87
N TYR A 135 -10.54 -0.05 16.68
CA TYR A 135 -10.75 -1.22 17.49
C TYR A 135 -9.39 -1.79 17.81
N THR A 136 -9.15 -2.10 19.08
CA THR A 136 -7.93 -2.78 19.50
C THR A 136 -8.23 -4.26 19.61
N LEU A 137 -7.34 -5.07 19.07
CA LEU A 137 -7.46 -6.53 19.10
C LEU A 137 -6.22 -7.07 19.78
N PRO A 138 -6.36 -7.77 20.91
CA PRO A 138 -5.19 -8.38 21.60
C PRO A 138 -4.57 -9.48 20.77
N PRO A 139 -3.42 -10.02 21.19
CA PRO A 139 -2.80 -11.12 20.45
C PRO A 139 -3.63 -12.39 20.52
N SER A 140 -3.40 -13.26 19.56
CA SER A 140 -4.07 -14.56 19.55
C SER A 140 -3.48 -15.48 20.62
N ARG A 141 -4.28 -16.47 21.05
CA ARG A 141 -3.78 -17.43 22.04
C ARG A 141 -2.57 -18.19 21.49
N GLU A 142 -2.64 -18.61 20.23
CA GLU A 142 -1.51 -19.34 19.65
C GLU A 142 -0.27 -18.46 19.59
N GLU A 143 -0.44 -17.14 19.50
CA GLU A 143 0.70 -16.25 19.45
C GLU A 143 1.36 -16.10 20.81
N MET A 144 0.68 -16.54 21.88
CA MET A 144 1.25 -16.40 23.21
C MET A 144 2.38 -17.38 23.47
N THR A 145 2.50 -18.41 22.65
CA THR A 145 3.62 -19.33 22.76
C THR A 145 4.94 -18.72 22.28
N LYS A 146 4.95 -17.45 21.84
CA LYS A 146 6.15 -16.77 21.34
C LYS A 146 6.60 -15.68 22.30
N ASN A 147 7.85 -15.25 22.17
CA ASN A 147 8.37 -14.16 23.01
C ASN A 147 7.82 -12.80 22.57
N GLN A 148 7.41 -12.69 21.31
CA GLN A 148 6.88 -11.47 20.73
C GLN A 148 5.40 -11.65 20.46
N VAL A 149 4.59 -10.74 20.97
CA VAL A 149 3.16 -10.75 20.72
C VAL A 149 2.81 -9.51 19.91
N SER A 150 1.76 -9.64 19.09
CA SER A 150 1.33 -8.60 18.18
C SER A 150 0.06 -7.95 18.70
N LEU A 151 0.14 -6.65 19.01
CA LEU A 151 -1.02 -5.85 19.39
C LEU A 151 -1.57 -5.15 18.15
N THR A 152 -2.82 -5.45 17.81
CA THR A 152 -3.43 -5.00 16.57
C THR A 152 -4.40 -3.83 16.80
N CYS A 153 -4.36 -2.87 15.87
CA CYS A 153 -5.26 -1.73 15.89
C CYS A 153 -5.93 -1.67 14.52
N LEU A 154 -7.22 -2.00 14.46
CA LEU A 154 -7.96 -1.91 13.21
C LEU A 154 -8.65 -0.55 13.14
N VAL A 155 -8.35 0.18 12.06
CA VAL A 155 -8.94 1.48 11.75
C VAL A 155 -9.66 1.34 10.42
N LYS A 156 -10.96 1.61 10.40
CA LYS A 156 -11.81 1.27 9.25
C LYS A 156 -12.90 2.32 9.04
N GLY A 157 -13.41 2.36 7.81
CA GLY A 157 -14.56 3.19 7.54
C GLY A 157 -14.27 4.67 7.40
N PHE A 158 -13.02 5.02 7.10
CA PHE A 158 -12.65 6.42 7.04
C PHE A 158 -12.45 6.83 5.59
N TYR A 159 -12.65 8.14 5.37
CA TYR A 159 -12.50 8.80 4.12
C TYR A 159 -12.20 10.24 4.47
N PRO A 160 -11.29 10.91 3.73
CA PRO A 160 -10.37 10.31 2.77
C PRO A 160 -9.31 9.46 3.49
N SER A 161 -8.25 9.04 2.80
CA SER A 161 -7.34 8.04 3.32
C SER A 161 -6.14 8.65 3.99
N ASP A 162 -6.00 9.96 3.97
CA ASP A 162 -4.99 10.63 4.77
C ASP A 162 -5.23 10.35 6.24
N ILE A 163 -4.24 9.77 6.92
CA ILE A 163 -4.44 9.37 8.29
C ILE A 163 -3.07 9.12 8.93
N ALA A 164 -2.99 9.31 10.24
CA ALA A 164 -1.78 9.07 11.00
C ALA A 164 -2.17 8.17 12.14
N VAL A 165 -1.35 7.15 12.40
CA VAL A 165 -1.59 6.21 13.48
C VAL A 165 -0.30 6.11 14.28
N GLU A 166 -0.42 5.99 15.60
CA GLU A 166 0.74 5.93 16.47
C GLU A 166 0.44 5.02 17.65
N TRP A 167 1.49 4.65 18.38
CA TRP A 167 1.37 3.76 19.51
C TRP A 167 2.07 4.30 20.75
N GLU A 168 1.42 4.15 21.89
CA GLU A 168 1.89 4.61 23.19
C GLU A 168 1.77 3.51 24.23
N SER A 169 2.56 3.65 25.30
CA SER A 169 2.39 2.86 26.51
C SER A 169 2.78 3.75 27.66
N ASN A 170 1.88 3.85 28.64
CA ASN A 170 2.15 4.55 29.88
C ASN A 170 2.76 5.93 29.60
N GLY A 171 2.17 6.63 28.64
CA GLY A 171 2.57 7.97 28.25
C GLY A 171 3.59 8.04 27.10
N GLN A 172 4.57 7.16 27.12
CA GLN A 172 5.70 7.27 26.23
C GLN A 172 5.38 6.71 24.85
N PRO A 173 6.16 7.07 23.83
CA PRO A 173 5.94 6.46 22.51
C PRO A 173 6.44 5.04 22.47
N GLU A 174 5.68 4.18 21.78
CA GLU A 174 6.04 2.78 21.56
C GLU A 174 6.35 2.61 20.08
N ASN A 175 7.64 2.49 19.74
CA ASN A 175 8.06 2.66 18.36
C ASN A 175 8.43 1.36 17.66
N ASN A 176 7.97 0.22 18.16
CA ASN A 176 8.15 -1.04 17.43
C ASN A 176 6.83 -1.45 16.79
N TYR A 177 6.39 -0.66 15.82
CA TYR A 177 5.13 -0.95 15.14
C TYR A 177 5.29 -0.74 13.65
N LYS A 178 4.43 -1.41 12.91
CA LYS A 178 4.26 -1.14 11.50
C LYS A 178 2.77 -0.99 11.26
N THR A 179 2.44 -0.38 10.12
CA THR A 179 1.09 0.00 9.79
C THR A 179 0.92 -0.22 8.29
N THR A 180 -0.27 -0.59 7.91
CA THR A 180 -0.47 -0.91 6.52
C THR A 180 -0.93 0.33 5.75
N PRO A 181 -0.70 0.36 4.45
CA PRO A 181 -1.29 1.40 3.62
C PRO A 181 -2.80 1.41 3.79
N PRO A 182 -3.46 2.55 3.62
CA PRO A 182 -4.92 2.52 3.56
C PRO A 182 -5.33 1.57 2.45
N VAL A 183 -6.41 0.84 2.68
CA VAL A 183 -6.94 -0.12 1.72
C VAL A 183 -8.38 0.23 1.46
N LEU A 184 -8.78 0.21 0.19
CA LEU A 184 -10.13 0.62 -0.17
C LEU A 184 -11.10 -0.54 0.05
N ASP A 185 -12.17 -0.27 0.79
CA ASP A 185 -13.13 -1.29 1.18
C ASP A 185 -14.38 -1.24 0.29
N SER A 186 -15.21 -2.28 0.45
CA SER A 186 -16.35 -2.46 -0.43
C SER A 186 -17.28 -1.24 -0.48
N ASP A 187 -17.32 -0.43 0.60
CA ASP A 187 -18.27 0.69 0.65
C ASP A 187 -17.62 2.04 0.33
N GLY A 188 -16.51 2.06 -0.39
CA GLY A 188 -15.88 3.31 -0.75
C GLY A 188 -15.04 3.94 0.35
N SER A 189 -15.12 3.46 1.59
CA SER A 189 -14.26 3.90 2.68
C SER A 189 -12.94 3.12 2.66
N PHE A 190 -11.98 3.56 3.48
CA PHE A 190 -10.70 2.88 3.64
C PHE A 190 -10.59 2.23 5.01
N PHE A 191 -9.80 1.16 5.08
CA PHE A 191 -9.36 0.63 6.35
C PHE A 191 -7.85 0.42 6.31
N LEU A 192 -7.26 0.31 7.50
CA LEU A 192 -5.88 -0.07 7.64
C LEU A 192 -5.75 -0.86 8.94
N TYR A 193 -4.65 -1.56 9.10
CA TYR A 193 -4.32 -2.16 10.38
C TYR A 193 -2.95 -1.64 10.80
N SER A 194 -2.70 -1.66 12.10
CA SER A 194 -1.43 -1.22 12.65
C SER A 194 -1.06 -2.23 13.71
N LYS A 195 0.15 -2.82 13.57
CA LYS A 195 0.62 -3.91 14.40
C LYS A 195 1.79 -3.44 15.25
N LEU A 196 1.57 -3.33 16.55
CA LEU A 196 2.64 -3.04 17.48
C LEU A 196 3.16 -4.37 18.04
N THR A 197 4.47 -4.56 17.98
CA THR A 197 5.13 -5.77 18.45
C THR A 197 5.81 -5.49 19.79
N VAL A 198 5.54 -6.32 20.80
CA VAL A 198 6.12 -6.15 22.13
C VAL A 198 6.49 -7.50 22.72
N ASP A 199 7.34 -7.46 23.75
CA ASP A 199 7.70 -8.65 24.50
C ASP A 199 6.48 -9.24 25.20
N LYS A 200 6.30 -10.55 25.04
CA LYS A 200 5.19 -11.24 25.71
C LYS A 200 5.14 -10.93 27.21
N SER A 201 6.28 -10.63 27.84
CA SER A 201 6.25 -10.31 29.27
C SER A 201 5.54 -8.97 29.53
N ARG A 202 5.86 -7.94 28.75
CA ARG A 202 5.25 -6.63 28.95
C ARG A 202 3.73 -6.70 28.85
N TRP A 203 3.22 -7.50 27.90
CA TRP A 203 1.78 -7.71 27.76
C TRP A 203 1.22 -8.42 28.99
N GLN A 204 1.85 -9.52 29.38
CA GLN A 204 1.29 -10.32 30.47
C GLN A 204 1.37 -9.61 31.80
N GLN A 205 2.40 -8.80 32.03
CA GLN A 205 2.45 -8.02 33.27
C GLN A 205 1.37 -6.94 33.33
N GLY A 206 0.53 -6.82 32.30
CA GLY A 206 -0.69 -6.05 32.37
C GLY A 206 -0.61 -4.63 31.88
N ASN A 207 0.46 -4.24 31.20
CA ASN A 207 0.61 -2.86 30.80
C ASN A 207 -0.43 -2.46 29.75
N VAL A 208 -0.96 -1.24 29.89
CA VAL A 208 -1.86 -0.68 28.89
C VAL A 208 -1.03 -0.13 27.74
N PHE A 209 -1.38 -0.52 26.53
CA PHE A 209 -0.82 0.06 25.31
C PHE A 209 -1.94 0.79 24.59
N SER A 210 -1.61 1.92 23.96
CA SER A 210 -2.62 2.74 23.32
C SER A 210 -2.31 2.96 21.85
N CYS A 211 -3.37 3.00 21.06
CA CYS A 211 -3.34 3.22 19.62
C CYS A 211 -3.89 4.62 19.38
N SER A 212 -3.15 5.44 18.63
CA SER A 212 -3.54 6.82 18.39
C SER A 212 -3.79 7.04 16.91
N VAL A 213 -4.90 7.70 16.60
CA VAL A 213 -5.37 7.85 15.24
C VAL A 213 -5.66 9.32 15.04
N MET A 214 -5.12 9.90 13.98
CA MET A 214 -5.46 11.26 13.58
C MET A 214 -6.10 11.25 12.21
N HIS A 215 -7.28 11.84 12.12
CA HIS A 215 -7.99 11.89 10.85
C HIS A 215 -8.92 13.08 10.90
N GLU A 216 -9.22 13.66 9.74
CA GLU A 216 -9.99 14.90 9.69
C GLU A 216 -11.43 14.71 10.15
N ALA A 217 -11.94 13.49 10.18
CA ALA A 217 -13.34 13.26 10.53
C ALA A 217 -13.50 12.82 11.97
N LEU A 218 -12.41 12.87 12.74
CA LEU A 218 -12.45 12.69 14.18
C LEU A 218 -12.63 14.02 14.91
N HIS A 219 -13.34 13.96 16.02
CA HIS A 219 -13.46 15.11 16.90
C HIS A 219 -12.08 15.50 17.43
N ASN A 220 -11.76 16.78 17.34
CA ASN A 220 -10.39 17.28 17.52
C ASN A 220 -9.36 16.49 16.71
N HIS A 221 -9.80 15.89 15.59
CA HIS A 221 -8.92 15.19 14.64
C HIS A 221 -8.07 14.13 15.34
N TYR A 222 -8.56 13.59 16.45
CA TYR A 222 -7.74 12.72 17.26
C TYR A 222 -8.61 11.86 18.17
N THR A 223 -8.34 10.56 18.20
CA THR A 223 -8.94 9.60 19.11
C THR A 223 -7.87 8.61 19.56
N GLN A 224 -8.18 7.80 20.58
CA GLN A 224 -7.15 6.93 21.17
C GLN A 224 -7.80 5.77 21.90
N LYS A 225 -7.53 4.55 21.45
CA LYS A 225 -8.02 3.32 22.07
C LYS A 225 -6.91 2.65 22.86
N SER A 226 -7.24 2.11 24.02
CA SER A 226 -6.21 1.44 24.80
C SER A 226 -6.46 -0.08 24.83
N LEU A 227 -5.46 -0.81 25.32
CA LEU A 227 -5.42 -2.26 25.20
C LEU A 227 -4.53 -2.85 26.30
N SER A 228 -4.93 -4.00 26.85
CA SER A 228 -4.21 -4.63 27.96
C SER A 228 -4.79 -6.01 28.23
N LEU A 229 -3.98 -6.86 28.88
CA LEU A 229 -4.32 -8.27 29.16
C LEU A 229 -5.77 -8.49 29.63
N VAL B 26 8.27 -1.06 -21.96
CA VAL B 26 8.32 -2.47 -21.62
C VAL B 26 8.24 -2.67 -20.10
N PHE B 27 7.34 -3.53 -19.64
CA PHE B 27 7.16 -3.80 -18.20
C PHE B 27 6.84 -5.26 -17.97
N LEU B 28 7.58 -5.91 -17.07
CA LEU B 28 7.54 -7.35 -16.86
C LEU B 28 6.91 -7.66 -15.51
N PHE B 29 5.83 -8.41 -15.52
CA PHE B 29 5.13 -8.69 -14.30
C PHE B 29 5.27 -10.16 -13.91
N PRO B 30 5.25 -10.45 -12.61
CA PRO B 30 5.39 -11.84 -12.13
C PRO B 30 4.04 -12.54 -12.07
N PRO B 31 4.04 -13.88 -12.02
CA PRO B 31 2.76 -14.62 -11.95
C PRO B 31 2.08 -14.45 -10.60
N LYS B 32 0.79 -14.74 -10.59
CA LYS B 32 0.02 -14.67 -9.35
C LYS B 32 0.52 -15.71 -8.36
N PRO B 33 0.64 -15.33 -7.08
CA PRO B 33 1.03 -16.29 -6.03
C PRO B 33 0.29 -17.63 -6.06
N LYS B 34 -1.04 -17.66 -6.01
CA LYS B 34 -1.70 -18.96 -5.96
C LYS B 34 -1.34 -19.81 -7.17
N ASP B 35 -0.95 -19.19 -8.30
CA ASP B 35 -0.75 -19.97 -9.52
C ASP B 35 0.54 -20.78 -9.50
N THR B 36 1.56 -20.30 -8.77
CA THR B 36 2.84 -21.01 -8.67
C THR B 36 2.86 -22.07 -7.57
N LEU B 37 1.95 -21.97 -6.59
CA LEU B 37 1.98 -22.81 -5.40
C LEU B 37 1.18 -24.09 -5.54
N MET B 38 0.35 -24.25 -6.56
CA MET B 38 -0.39 -25.49 -6.80
C MET B 38 -0.11 -25.96 -8.21
N ILE B 39 0.31 -27.23 -8.34
CA ILE B 39 0.64 -27.79 -9.65
C ILE B 39 -0.53 -27.73 -10.60
N SER B 40 -1.74 -27.55 -10.06
CA SER B 40 -2.94 -27.51 -10.89
C SER B 40 -3.13 -26.16 -11.60
N ARG B 41 -2.66 -25.06 -11.03
CA ARG B 41 -2.76 -23.77 -11.73
C ARG B 41 -1.71 -23.69 -12.82
N THR B 42 -1.72 -22.58 -13.56
CA THR B 42 -0.74 -22.36 -14.63
C THR B 42 -0.13 -20.98 -14.43
N PRO B 43 1.10 -20.90 -13.92
CA PRO B 43 1.70 -19.60 -13.67
C PRO B 43 2.28 -19.04 -14.97
N GLU B 44 2.59 -17.76 -14.94
CA GLU B 44 2.52 -16.95 -16.15
C GLU B 44 3.21 -15.60 -15.97
N VAL B 45 4.25 -15.31 -16.76
CA VAL B 45 4.92 -14.02 -16.71
C VAL B 45 4.36 -13.17 -17.83
N THR B 46 4.01 -11.91 -17.53
CA THR B 46 3.40 -11.01 -18.51
C THR B 46 4.33 -9.84 -18.83
N CYS B 47 4.75 -9.73 -20.09
CA CYS B 47 5.45 -8.56 -20.60
C CYS B 47 4.43 -7.65 -21.30
N VAL B 48 4.25 -6.44 -20.75
CA VAL B 48 3.28 -5.47 -21.25
C VAL B 48 4.05 -4.29 -21.84
N VAL B 49 3.55 -3.75 -22.96
CA VAL B 49 4.24 -2.66 -23.69
C VAL B 49 3.32 -1.48 -23.93
N SER B 54 2.77 3.95 -32.64
CA SER B 54 1.49 4.57 -32.97
C SER B 54 1.13 4.36 -34.44
N THR B 55 2.14 4.40 -35.30
CA THR B 55 1.93 4.26 -36.73
C THR B 55 2.74 3.14 -37.34
N ASP B 56 3.51 2.39 -36.55
CA ASP B 56 4.34 1.35 -37.12
C ASP B 56 4.87 0.35 -36.08
N PRO B 57 3.98 -0.35 -35.33
CA PRO B 57 4.42 -1.31 -34.32
C PRO B 57 5.34 -2.40 -34.86
N VAL B 59 5.92 -5.33 -32.95
CA VAL B 59 7.02 -5.57 -32.02
C VAL B 59 7.25 -7.07 -31.84
N LYS B 60 8.50 -7.49 -32.06
CA LYS B 60 8.88 -8.89 -31.90
C LYS B 60 9.29 -9.13 -30.44
N PHE B 61 8.63 -10.09 -29.80
CA PHE B 61 8.97 -10.54 -28.46
C PHE B 61 9.98 -11.69 -28.54
N ASN B 62 11.08 -11.58 -27.79
CA ASN B 62 11.95 -12.71 -27.49
C ASN B 62 11.91 -12.97 -25.99
N TRP B 63 11.98 -14.25 -25.60
CA TRP B 63 11.89 -14.65 -24.20
C TRP B 63 13.02 -15.64 -23.93
N TYR B 64 14.07 -15.17 -23.22
CA TYR B 64 15.09 -16.05 -22.70
C TYR B 64 14.81 -16.30 -21.22
N VAL B 65 15.27 -17.45 -20.74
CA VAL B 65 15.09 -17.85 -19.33
C VAL B 65 16.48 -18.23 -18.82
N ASP B 66 17.17 -17.28 -18.21
CA ASP B 66 18.55 -17.42 -17.70
C ASP B 66 19.44 -18.47 -18.41
N VAL B 68 18.93 -18.15 -22.36
CA VAL B 68 18.53 -19.28 -23.20
C VAL B 68 17.15 -19.02 -23.76
N GLU B 69 17.04 -18.83 -25.07
CA GLU B 69 15.76 -18.44 -25.68
C GLU B 69 14.70 -19.49 -25.44
N VAL B 70 13.45 -19.03 -25.33
CA VAL B 70 12.27 -19.85 -25.21
C VAL B 70 11.23 -19.37 -26.22
N HIS B 71 10.42 -20.30 -26.74
CA HIS B 71 9.56 -20.03 -27.89
C HIS B 71 8.07 -20.09 -27.59
N ASN B 72 7.68 -20.46 -26.36
CA ASN B 72 6.31 -20.86 -26.07
C ASN B 72 5.44 -19.74 -25.52
N ALA B 73 5.84 -18.49 -25.68
CA ALA B 73 5.00 -17.39 -25.25
C ALA B 73 3.92 -17.11 -26.28
N LYS B 74 2.73 -16.76 -25.81
CA LYS B 74 1.66 -16.27 -26.66
C LYS B 74 1.57 -14.76 -26.54
N THR B 75 1.05 -14.10 -27.58
CA THR B 75 1.12 -12.64 -27.68
C THR B 75 -0.23 -12.06 -28.08
N LYS B 76 -0.75 -11.16 -27.27
CA LYS B 76 -2.03 -10.56 -27.58
C LYS B 76 -1.86 -9.47 -28.65
N PRO B 77 -2.83 -9.32 -29.56
CA PRO B 77 -2.76 -8.25 -30.56
C PRO B 77 -2.72 -6.86 -29.94
N ARG B 78 -2.26 -5.90 -30.75
CA ARG B 78 -2.17 -4.52 -30.30
C ARG B 78 -3.56 -3.95 -30.04
N GLU B 79 -3.85 -3.62 -28.79
CA GLU B 79 -5.02 -2.83 -28.42
C GLU B 79 -4.55 -1.41 -28.07
N GLU B 80 -5.36 -0.40 -28.42
CA GLU B 80 -4.98 0.98 -28.19
C GLU B 80 -5.80 1.62 -27.07
N GLN B 81 -5.42 2.86 -26.72
CA GLN B 81 -6.04 3.56 -25.60
C GLN B 81 -6.52 4.97 -25.98
N TYR B 82 -6.87 5.78 -24.96
CA TYR B 82 -7.33 7.15 -25.20
C TYR B 82 -6.25 8.03 -25.81
N ASN B 83 -4.98 7.65 -25.68
CA ASN B 83 -3.85 8.46 -26.13
C ASN B 83 -3.28 7.99 -27.47
N SER B 84 -3.90 7.00 -28.12
CA SER B 84 -3.51 6.56 -29.47
C SER B 84 -2.11 5.96 -29.48
N THR B 85 -1.80 5.16 -28.46
CA THR B 85 -0.61 4.31 -28.42
C THR B 85 -1.06 2.85 -28.42
N TYR B 86 -0.24 1.99 -29.03
CA TYR B 86 -0.54 0.57 -29.02
C TYR B 86 -0.08 -0.05 -27.70
N ARG B 87 -0.67 -1.23 -27.36
CA ARG B 87 -0.44 -1.91 -26.07
C ARG B 87 -0.38 -3.43 -26.31
N VAL B 88 0.73 -3.89 -26.88
CA VAL B 88 0.94 -5.31 -27.11
C VAL B 88 1.38 -5.98 -25.81
N VAL B 89 0.60 -6.96 -25.36
CA VAL B 89 0.92 -7.80 -24.21
C VAL B 89 1.43 -9.14 -24.72
N SER B 90 2.49 -9.65 -24.11
CA SER B 90 2.93 -11.02 -24.35
C SER B 90 2.92 -11.81 -23.04
N VAL B 91 2.72 -13.12 -23.15
CA VAL B 91 2.53 -13.99 -21.99
C VAL B 91 3.39 -15.25 -22.14
N LEU B 92 4.32 -15.47 -21.21
CA LEU B 92 5.13 -16.68 -21.17
C LEU B 92 4.59 -17.57 -20.05
N THR B 93 4.43 -18.85 -20.36
CA THR B 93 3.98 -19.82 -19.38
C THR B 93 5.19 -20.49 -18.75
N VAL B 94 5.36 -20.30 -17.44
CA VAL B 94 6.57 -20.73 -16.76
C VAL B 94 6.30 -22.01 -15.96
N LEU B 95 7.35 -22.78 -15.74
CA LEU B 95 7.21 -23.97 -14.90
C LEU B 95 7.22 -23.56 -13.43
N HIS B 96 6.43 -24.29 -12.63
CA HIS B 96 6.28 -23.92 -11.23
C HIS B 96 7.64 -23.83 -10.55
N GLN B 97 8.41 -24.92 -10.60
CA GLN B 97 9.70 -24.96 -9.91
C GLN B 97 10.72 -24.02 -10.54
N ASP B 98 10.62 -23.75 -11.84
CA ASP B 98 11.49 -22.75 -12.45
C ASP B 98 11.35 -21.40 -11.74
N TRP B 99 10.12 -20.87 -11.68
CA TRP B 99 9.88 -19.60 -11.02
C TRP B 99 10.24 -19.68 -9.55
N LEU B 100 9.92 -20.80 -8.91
CA LEU B 100 10.15 -20.95 -7.47
C LEU B 100 11.62 -21.18 -7.13
N ASN B 101 12.39 -21.81 -8.01
CA ASN B 101 13.82 -22.01 -7.73
C ASN B 101 14.66 -20.80 -8.15
N GLY B 102 14.05 -19.70 -8.56
CA GLY B 102 14.76 -18.45 -8.71
C GLY B 102 15.18 -18.11 -10.12
N LYS B 103 14.86 -18.96 -11.10
CA LYS B 103 15.28 -18.73 -12.47
C LYS B 103 14.82 -17.34 -12.93
N GLU B 104 15.70 -16.67 -13.66
CA GLU B 104 15.41 -15.33 -14.17
C GLU B 104 14.64 -15.42 -15.48
N TYR B 105 13.79 -14.44 -15.71
CA TYR B 105 12.94 -14.41 -16.89
C TYR B 105 13.18 -13.10 -17.63
N LYS B 106 13.64 -13.20 -18.88
CA LYS B 106 14.00 -12.06 -19.71
C LYS B 106 12.99 -11.87 -20.85
N CYS B 107 12.47 -10.64 -20.95
CA CYS B 107 11.58 -10.22 -22.03
C CYS B 107 12.34 -9.26 -22.96
N LYS B 108 12.39 -9.58 -24.25
CA LYS B 108 13.14 -8.81 -25.25
C LYS B 108 12.17 -8.24 -26.30
N VAL B 109 11.93 -6.92 -26.24
CA VAL B 109 10.90 -6.25 -27.03
C VAL B 109 11.58 -5.29 -28.01
N SER B 110 11.75 -5.71 -29.26
CA SER B 110 12.37 -4.83 -30.26
C SER B 110 11.33 -4.19 -31.19
N SER B 116 16.51 -1.18 -32.85
CA SER B 116 17.26 -1.73 -31.73
C SER B 116 16.31 -2.40 -30.72
N THR B 117 16.84 -2.68 -29.51
CA THR B 117 16.17 -3.54 -28.53
C THR B 117 16.16 -2.89 -27.15
N ILE B 118 15.12 -3.20 -26.37
CA ILE B 118 15.00 -2.82 -24.96
C ILE B 118 14.66 -4.07 -24.14
N GLU B 119 15.23 -4.18 -22.95
CA GLU B 119 15.12 -5.38 -22.13
C GLU B 119 14.41 -5.06 -20.79
N LYS B 120 14.08 -6.12 -20.05
CA LYS B 120 13.53 -6.10 -18.70
C LYS B 120 13.52 -7.52 -18.14
N THR B 121 13.89 -7.67 -16.87
CA THR B 121 14.02 -8.98 -16.22
C THR B 121 13.24 -9.01 -14.91
N ILE B 122 12.76 -10.21 -14.55
CA ILE B 122 12.18 -10.44 -13.24
C ILE B 122 12.49 -11.87 -12.81
N SER B 123 12.45 -12.10 -11.50
CA SER B 123 12.44 -13.43 -10.93
C SER B 123 11.81 -13.33 -9.54
N LYS B 124 11.62 -14.48 -8.90
CA LYS B 124 11.21 -14.47 -7.51
C LYS B 124 12.27 -13.78 -6.66
N ALA B 125 11.82 -13.12 -5.60
CA ALA B 125 12.75 -12.54 -4.66
C ALA B 125 13.68 -13.60 -4.08
N LYS B 126 14.94 -13.23 -3.90
CA LYS B 126 15.98 -14.11 -3.40
C LYS B 126 15.91 -14.27 -1.89
N GLY B 127 16.28 -15.45 -1.41
CA GLY B 127 16.32 -15.65 0.03
C GLY B 127 15.44 -16.77 0.55
N GLN B 128 15.99 -17.49 1.52
CA GLN B 128 15.35 -18.52 2.33
C GLN B 128 13.89 -18.20 2.63
N PRO B 129 12.94 -18.88 1.99
CA PRO B 129 11.55 -18.66 2.36
C PRO B 129 11.33 -18.95 3.83
N ARG B 130 10.42 -18.21 4.45
CA ARG B 130 10.14 -18.32 5.87
C ARG B 130 8.67 -18.69 6.03
N GLU B 131 8.34 -19.49 7.03
CA GLU B 131 6.97 -19.97 7.14
C GLU B 131 6.08 -18.91 7.79
N PRO B 132 4.92 -18.58 7.20
CA PRO B 132 4.04 -17.61 7.85
C PRO B 132 3.34 -18.19 9.06
N GLN B 133 3.15 -17.35 10.06
CA GLN B 133 2.31 -17.64 11.20
C GLN B 133 0.95 -17.02 10.91
N VAL B 134 -0.11 -17.79 11.14
CA VAL B 134 -1.47 -17.43 10.77
C VAL B 134 -2.32 -17.43 12.03
N TYR B 135 -2.83 -16.26 12.41
CA TYR B 135 -3.64 -16.11 13.62
C TYR B 135 -4.99 -15.50 13.25
N THR B 136 -6.05 -16.12 13.72
CA THR B 136 -7.35 -15.48 13.53
C THR B 136 -7.67 -14.67 14.78
N LEU B 137 -8.42 -13.62 14.59
CA LEU B 137 -8.67 -12.65 15.64
C LEU B 137 -10.14 -12.27 15.58
N PRO B 138 -10.90 -12.48 16.64
CA PRO B 138 -12.33 -12.17 16.63
C PRO B 138 -12.57 -10.68 16.59
N PRO B 139 -13.80 -10.24 16.34
CA PRO B 139 -14.10 -8.81 16.38
C PRO B 139 -14.04 -8.26 17.78
N SER B 140 -13.64 -6.98 17.84
CA SER B 140 -13.61 -6.21 19.08
C SER B 140 -14.98 -6.19 19.75
N ARG B 141 -14.99 -6.25 21.09
CA ARG B 141 -16.25 -6.15 21.81
C ARG B 141 -16.91 -4.81 21.55
N GLU B 142 -16.12 -3.78 21.24
CA GLU B 142 -16.69 -2.49 20.87
C GLU B 142 -17.27 -2.51 19.46
N GLU B 143 -16.90 -3.48 18.62
CA GLU B 143 -17.52 -3.56 17.31
C GLU B 143 -18.88 -4.25 17.35
N MET B 144 -19.14 -5.07 18.37
CA MET B 144 -20.35 -5.86 18.45
C MET B 144 -21.63 -5.04 18.44
N THR B 145 -21.54 -3.71 18.56
CA THR B 145 -22.69 -2.82 18.51
C THR B 145 -23.05 -2.37 17.10
N LYS B 146 -22.16 -2.58 16.13
CA LYS B 146 -22.46 -2.40 14.72
C LYS B 146 -23.28 -3.59 14.21
N ASN B 147 -23.97 -3.41 13.08
CA ASN B 147 -24.71 -4.53 12.51
C ASN B 147 -23.81 -5.49 11.71
N GLN B 148 -22.52 -5.18 11.54
CA GLN B 148 -21.57 -6.06 10.86
C GLN B 148 -20.26 -6.06 11.62
N VAL B 149 -19.66 -7.25 11.72
CA VAL B 149 -18.45 -7.48 12.50
C VAL B 149 -17.27 -7.72 11.56
N SER B 150 -16.06 -7.47 12.08
CA SER B 150 -14.79 -7.71 11.37
C SER B 150 -14.09 -8.91 11.98
N LEU B 151 -13.89 -9.94 11.17
CA LEU B 151 -13.05 -11.08 11.51
C LEU B 151 -11.69 -10.87 10.85
N THR B 152 -10.64 -10.98 11.65
CA THR B 152 -9.31 -10.57 11.23
C THR B 152 -8.43 -11.79 11.07
N CYS B 153 -7.69 -11.83 9.98
CA CYS B 153 -6.65 -12.83 9.81
C CYS B 153 -5.30 -12.15 9.76
N LEU B 154 -4.52 -12.26 10.84
CA LEU B 154 -3.16 -11.75 10.84
C LEU B 154 -2.25 -12.84 10.32
N VAL B 155 -1.49 -12.51 9.28
CA VAL B 155 -0.45 -13.36 8.72
C VAL B 155 0.88 -12.64 8.89
N LYS B 156 1.81 -13.30 9.58
CA LYS B 156 3.04 -12.74 10.13
C LYS B 156 4.24 -13.56 9.66
N GLY B 157 5.38 -12.88 9.43
CA GLY B 157 6.67 -13.57 9.37
C GLY B 157 7.00 -14.36 8.11
N PHE B 158 6.35 -14.10 6.99
CA PHE B 158 6.61 -14.87 5.78
C PHE B 158 7.57 -14.12 4.88
N TYR B 159 8.30 -14.91 4.08
CA TYR B 159 9.17 -14.40 3.05
C TYR B 159 9.21 -15.47 1.98
N PRO B 160 9.23 -15.10 0.69
CA PRO B 160 9.02 -13.75 0.19
C PRO B 160 7.56 -13.34 0.26
N SER B 161 7.25 -12.10 -0.11
CA SER B 161 5.95 -11.50 0.11
C SER B 161 4.84 -12.09 -0.76
N ASP B 162 5.14 -13.02 -1.67
CA ASP B 162 4.12 -13.62 -2.52
C ASP B 162 3.23 -14.53 -1.68
N ILE B 163 1.93 -14.28 -1.73
CA ILE B 163 1.06 -14.98 -0.80
C ILE B 163 -0.37 -14.77 -1.23
N ALA B 164 -1.20 -15.75 -1.00
CA ALA B 164 -2.62 -15.60 -1.25
C ALA B 164 -3.37 -15.94 0.03
N VAL B 165 -4.37 -15.12 0.34
CA VAL B 165 -5.24 -15.36 1.49
C VAL B 165 -6.68 -15.41 1.00
N GLU B 166 -7.48 -16.30 1.58
CA GLU B 166 -8.89 -16.43 1.24
C GLU B 166 -9.71 -16.76 2.48
N TRP B 167 -11.01 -16.59 2.35
CA TRP B 167 -11.92 -16.83 3.47
C TRP B 167 -13.00 -17.82 3.06
N GLU B 168 -13.30 -18.77 3.95
CA GLU B 168 -14.35 -19.74 3.73
C GLU B 168 -15.21 -19.90 4.97
N SER B 169 -16.39 -20.48 4.73
CA SER B 169 -17.31 -20.93 5.76
C SER B 169 -18.13 -22.03 5.13
N ASN B 170 -18.32 -23.14 5.85
CA ASN B 170 -19.05 -24.30 5.36
C ASN B 170 -18.57 -24.77 3.98
N GLY B 171 -17.28 -24.59 3.68
CA GLY B 171 -16.74 -24.98 2.41
C GLY B 171 -17.00 -24.04 1.25
N GLN B 172 -18.06 -23.20 1.31
CA GLN B 172 -18.26 -22.19 0.26
C GLN B 172 -17.40 -20.96 0.56
N PRO B 173 -16.86 -20.31 -0.47
CA PRO B 173 -16.04 -19.12 -0.23
C PRO B 173 -16.90 -17.95 0.23
N GLU B 174 -16.21 -16.95 0.80
CA GLU B 174 -16.81 -15.74 1.33
C GLU B 174 -16.38 -14.58 0.43
N ASN B 175 -17.36 -13.81 -0.06
CA ASN B 175 -17.01 -12.72 -0.95
C ASN B 175 -16.51 -11.50 -0.19
N ASN B 176 -17.12 -11.18 0.94
CA ASN B 176 -16.95 -9.85 1.50
C ASN B 176 -15.68 -9.75 2.34
N TYR B 177 -14.52 -9.89 1.70
CA TYR B 177 -13.26 -9.65 2.39
C TYR B 177 -12.31 -8.81 1.56
N LYS B 178 -11.30 -8.28 2.26
CA LYS B 178 -10.28 -7.41 1.68
C LYS B 178 -8.96 -7.69 2.36
N THR B 179 -7.90 -7.77 1.58
CA THR B 179 -6.59 -8.11 2.12
C THR B 179 -5.64 -6.95 1.83
N THR B 180 -4.85 -6.57 2.83
CA THR B 180 -3.86 -5.52 2.72
C THR B 180 -2.64 -6.05 1.97
N PRO B 181 -1.91 -5.19 1.29
CA PRO B 181 -0.66 -5.64 0.66
C PRO B 181 0.29 -6.18 1.71
N PRO B 182 1.31 -6.94 1.32
CA PRO B 182 2.36 -7.26 2.30
C PRO B 182 3.05 -5.97 2.74
N VAL B 183 3.38 -5.93 4.02
CA VAL B 183 4.10 -4.82 4.62
C VAL B 183 5.38 -5.35 5.23
N LEU B 184 6.52 -4.77 4.83
CA LEU B 184 7.81 -5.19 5.32
C LEU B 184 7.88 -5.01 6.82
N ASP B 185 8.43 -5.98 7.52
CA ASP B 185 8.50 -5.90 8.97
C ASP B 185 9.92 -5.52 9.41
N SER B 186 10.02 -5.01 10.63
CA SER B 186 11.32 -4.59 11.13
C SER B 186 12.38 -5.69 10.99
N ASP B 187 11.98 -6.95 10.77
CA ASP B 187 12.91 -8.07 10.76
C ASP B 187 13.19 -8.63 9.37
N GLY B 188 12.80 -7.93 8.31
CA GLY B 188 13.08 -8.40 6.96
C GLY B 188 12.05 -9.36 6.38
N SER B 189 11.15 -9.92 7.20
CA SER B 189 10.02 -10.70 6.74
C SER B 189 8.80 -9.80 6.56
N PHE B 190 7.66 -10.42 6.22
CA PHE B 190 6.45 -9.69 5.86
C PHE B 190 5.27 -10.09 6.74
N PHE B 191 4.31 -9.18 6.77
CA PHE B 191 3.01 -9.45 7.36
C PHE B 191 1.95 -8.80 6.48
N LEU B 192 0.73 -9.22 6.70
CA LEU B 192 -0.42 -8.56 6.13
C LEU B 192 -1.58 -8.82 7.08
N TYR B 193 -2.69 -8.16 6.84
CA TYR B 193 -3.92 -8.54 7.48
C TYR B 193 -4.95 -8.81 6.39
N SER B 194 -5.89 -9.70 6.69
CA SER B 194 -7.06 -9.87 5.85
C SER B 194 -8.27 -9.67 6.74
N LYS B 195 -9.26 -8.94 6.24
CA LYS B 195 -10.45 -8.58 7.01
C LYS B 195 -11.69 -9.11 6.30
N LEU B 196 -12.37 -10.03 6.95
CA LEU B 196 -13.63 -10.54 6.44
C LEU B 196 -14.78 -9.86 7.18
N THR B 197 -15.79 -9.44 6.44
CA THR B 197 -16.93 -8.74 7.02
C THR B 197 -18.20 -9.58 6.91
N VAL B 198 -18.88 -9.77 8.04
CA VAL B 198 -20.13 -10.52 8.04
C VAL B 198 -21.16 -9.78 8.86
N ASP B 199 -22.43 -10.04 8.55
CA ASP B 199 -23.50 -9.65 9.45
C ASP B 199 -23.19 -10.18 10.84
N LYS B 200 -23.48 -9.36 11.85
CA LYS B 200 -23.30 -9.77 13.24
C LYS B 200 -24.08 -11.04 13.54
N SER B 201 -25.20 -11.26 12.84
CA SER B 201 -26.02 -12.42 13.13
C SER B 201 -25.28 -13.71 12.79
N ARG B 202 -24.48 -13.72 11.72
CA ARG B 202 -23.79 -14.95 11.36
C ARG B 202 -22.70 -15.29 12.36
N TRP B 203 -22.09 -14.27 12.95
CA TRP B 203 -21.02 -14.48 13.91
C TRP B 203 -21.59 -14.88 15.26
N GLN B 204 -22.65 -14.18 15.70
CA GLN B 204 -23.27 -14.46 16.98
C GLN B 204 -23.70 -15.93 17.07
N GLN B 205 -24.27 -16.46 15.99
CA GLN B 205 -24.89 -17.78 16.01
C GLN B 205 -23.90 -18.92 15.74
N GLY B 206 -22.62 -18.73 16.03
CA GLY B 206 -21.69 -19.85 16.10
C GLY B 206 -21.08 -20.30 14.79
N ASN B 207 -21.39 -19.64 13.67
CA ASN B 207 -20.82 -20.05 12.40
C ASN B 207 -19.31 -19.99 12.44
N VAL B 208 -18.70 -20.97 11.79
CA VAL B 208 -17.26 -21.13 11.74
C VAL B 208 -16.74 -20.53 10.45
N PHE B 209 -15.72 -19.69 10.55
CA PHE B 209 -15.08 -19.02 9.43
C PHE B 209 -13.61 -19.40 9.41
N SER B 210 -13.03 -19.49 8.21
CA SER B 210 -11.67 -19.98 8.07
C SER B 210 -10.87 -19.03 7.20
N CYS B 211 -9.63 -18.82 7.60
CA CYS B 211 -8.71 -17.99 6.85
C CYS B 211 -7.75 -18.95 6.16
N SER B 212 -7.72 -18.92 4.83
CA SER B 212 -6.88 -19.84 4.07
C SER B 212 -5.69 -19.06 3.50
N VAL B 213 -4.48 -19.57 3.74
CA VAL B 213 -3.25 -18.90 3.33
C VAL B 213 -2.43 -19.82 2.44
N MET B 214 -2.01 -19.31 1.29
CA MET B 214 -1.13 -20.04 0.40
C MET B 214 0.21 -19.32 0.28
N HIS B 215 1.29 -20.02 0.66
CA HIS B 215 2.65 -19.50 0.62
C HIS B 215 3.62 -20.65 0.44
N GLU B 216 4.75 -20.41 -0.24
CA GLU B 216 5.56 -21.57 -0.62
C GLU B 216 6.21 -22.25 0.60
N ALA B 217 6.50 -21.52 1.67
CA ALA B 217 7.13 -22.17 2.82
C ALA B 217 6.17 -23.00 3.69
N LEU B 218 4.87 -22.96 3.42
CA LEU B 218 3.92 -23.80 4.12
C LEU B 218 3.96 -25.21 3.56
N HIS B 219 3.81 -26.21 4.43
CA HIS B 219 3.65 -27.57 3.95
C HIS B 219 2.40 -27.68 3.09
N ASN B 220 2.54 -28.30 1.90
CA ASN B 220 1.55 -28.32 0.84
C ASN B 220 1.13 -26.93 0.37
N HIS B 221 1.92 -25.91 0.71
CA HIS B 221 1.72 -24.55 0.25
C HIS B 221 0.41 -23.95 0.75
N TYR B 222 -0.12 -24.46 1.85
CA TYR B 222 -1.48 -24.12 2.26
C TYR B 222 -1.64 -24.39 3.75
N THR B 223 -2.37 -23.50 4.43
CA THR B 223 -2.80 -23.70 5.80
C THR B 223 -4.10 -22.94 6.01
N GLN B 224 -4.87 -23.37 7.01
CA GLN B 224 -6.07 -22.66 7.39
C GLN B 224 -6.22 -22.62 8.91
N LYS B 225 -6.72 -21.50 9.40
CA LYS B 225 -7.08 -21.32 10.78
C LYS B 225 -8.54 -20.90 10.78
N SER B 226 -9.34 -21.58 11.59
CA SER B 226 -10.76 -21.27 11.68
C SER B 226 -11.04 -20.31 12.83
N LEU B 227 -12.13 -19.58 12.71
CA LEU B 227 -12.56 -18.63 13.72
C LEU B 227 -14.04 -18.85 14.00
N SER B 228 -14.45 -18.77 15.28
CA SER B 228 -15.88 -18.75 15.62
C SER B 228 -16.06 -18.17 17.03
N LEU B 229 -17.29 -17.73 17.32
CA LEU B 229 -17.59 -17.13 18.63
C LEU B 229 -17.21 -18.07 19.79
C1 NAG C . 20.68 22.46 -23.33
C2 NAG C . 20.81 21.24 -24.22
C3 NAG C . 21.84 21.47 -25.33
C4 NAG C . 21.59 22.79 -26.07
C5 NAG C . 21.43 23.93 -25.08
C6 NAG C . 21.00 25.21 -25.77
C7 NAG C . 20.29 19.12 -23.13
C8 NAG C . 20.82 17.97 -22.29
N2 NAG C . 21.18 20.06 -23.44
O3 NAG C . 21.70 20.40 -26.24
O4 NAG C . 22.68 23.12 -26.92
O5 NAG C . 20.41 23.62 -24.12
O6 NAG C . 19.80 24.97 -26.50
O7 NAG C . 19.13 19.17 -23.50
C1 NAG C . 22.37 23.03 -28.33
C2 NAG C . 23.43 23.69 -29.22
C3 NAG C . 23.09 23.49 -30.70
C4 NAG C . 22.93 22.01 -31.02
C5 NAG C . 21.90 21.37 -30.09
C6 NAG C . 21.84 19.87 -30.25
C7 NAG C . 24.05 25.60 -27.76
C8 NAG C . 24.14 27.09 -27.68
N2 NAG C . 23.61 25.10 -28.92
O3 NAG C . 24.07 24.10 -31.53
O4 NAG C . 22.47 21.85 -32.36
O5 NAG C . 22.21 21.63 -28.71
O6 NAG C . 21.72 19.23 -28.98
O7 NAG C . 24.31 24.88 -26.81
C1 BMA C . 23.48 21.26 -33.22
C2 BMA C . 22.77 20.62 -34.49
C3 BMA C . 23.82 20.14 -35.53
C4 BMA C . 24.94 21.22 -35.74
C5 BMA C . 25.53 21.63 -34.37
C6 BMA C . 26.65 22.63 -34.47
O2 BMA C . 21.92 21.55 -35.14
O3 BMA C . 23.21 19.79 -36.79
O4 BMA C . 25.97 20.72 -36.59
O5 BMA C . 24.48 22.22 -33.60
O6 BMA C . 26.20 23.64 -35.31
C1 MAN C . 23.23 18.35 -37.00
C2 MAN C . 24.21 18.02 -38.24
C3 MAN C . 23.56 18.35 -39.58
C4 MAN C . 22.07 17.87 -39.67
C5 MAN C . 21.26 18.29 -38.40
C6 MAN C . 19.84 17.74 -38.37
O2 MAN C . 24.58 16.62 -38.31
O3 MAN C . 24.32 17.81 -40.66
O4 MAN C . 21.46 18.40 -40.84
O5 MAN C . 21.92 17.84 -37.18
O6 MAN C . 19.23 18.09 -37.12
C1 MAN C . 27.29 24.56 -35.50
C2 MAN C . 26.64 25.89 -36.10
C3 MAN C . 26.52 25.81 -37.63
C4 MAN C . 27.86 25.37 -38.22
C5 MAN C . 28.17 23.93 -37.76
C6 MAN C . 29.48 23.36 -38.44
O2 MAN C . 27.41 27.05 -35.77
O3 MAN C . 26.07 27.04 -38.22
O4 MAN C . 27.88 25.48 -39.66
O5 MAN C . 28.34 23.94 -36.30
O6 MAN C . 29.63 21.94 -38.22
C1 FUC C . 19.58 25.89 -27.57
C2 FUC C . 18.66 25.14 -28.60
C3 FUC C . 17.26 24.86 -27.96
C4 FUC C . 16.67 26.17 -27.44
C5 FUC C . 17.67 26.85 -26.47
C6 FUC C . 17.20 28.18 -25.90
O2 FUC C . 19.23 23.94 -29.10
O3 FUC C . 16.36 24.35 -28.95
O4 FUC C . 16.41 27.02 -28.55
O5 FUC C . 18.99 27.08 -27.10
C1 NAG D . 18.52 13.77 -12.82
C2 NAG D . 17.33 12.91 -13.34
C3 NAG D . 16.02 13.26 -12.62
C4 NAG D . 16.21 13.23 -11.11
C5 NAG D . 17.27 14.26 -10.79
C6 NAG D . 17.47 14.42 -9.32
C7 NAG D . 17.82 12.32 -15.67
C8 NAG D . 17.58 12.66 -17.11
N2 NAG D . 17.19 13.07 -14.77
O3 NAG D . 15.02 12.33 -13.01
O4 NAG D . 15.03 13.59 -10.41
O5 NAG D . 18.51 13.83 -11.36
O6 NAG D . 17.10 13.21 -8.67
O7 NAG D . 18.55 11.39 -15.34
C1 NAG D . 14.08 12.56 -10.08
C2 NAG D . 13.33 13.03 -8.83
C3 NAG D . 12.19 12.07 -8.48
C4 NAG D . 11.33 11.72 -9.70
C5 NAG D . 12.22 11.30 -10.85
C6 NAG D . 11.46 11.11 -12.14
C7 NAG D . 14.37 14.25 -6.99
C8 NAG D . 15.36 14.19 -5.87
N2 NAG D . 14.24 13.14 -7.71
O3 NAG D . 11.38 12.71 -7.50
O4 NAG D . 10.49 10.62 -9.36
O5 NAG D . 13.17 12.33 -11.12
O6 NAG D . 12.00 11.93 -13.15
O7 NAG D . 13.74 15.28 -7.25
C1 BMA D . 9.22 10.96 -8.78
C2 BMA D . 8.15 10.18 -9.56
C3 BMA D . 6.79 10.17 -8.87
C4 BMA D . 6.96 9.82 -7.40
C5 BMA D . 7.99 10.79 -6.77
C6 BMA D . 8.21 10.61 -5.28
O2 BMA D . 8.51 8.83 -9.62
O3 BMA D . 5.90 9.26 -9.51
O4 BMA D . 5.72 9.93 -6.72
O5 BMA D . 9.24 10.60 -7.42
O6 BMA D . 9.43 11.22 -5.00
C1 MAN D . 9.54 11.49 -3.60
C2 MAN D . 10.44 12.71 -3.51
C3 MAN D . 11.83 12.40 -4.06
C4 MAN D . 12.43 11.12 -3.44
C5 MAN D . 11.41 9.94 -3.45
C6 MAN D . 11.85 8.70 -2.67
O2 MAN D . 10.68 13.02 -2.15
O3 MAN D . 12.69 13.49 -3.81
O4 MAN D . 13.61 10.75 -4.18
O5 MAN D . 10.10 10.39 -2.93
O6 MAN D . 11.17 7.55 -3.27
C1 NAG D . 9.51 13.73 -1.69
C2 NAG D . 9.17 13.27 -0.25
C3 NAG D . 8.07 14.14 0.35
C4 NAG D . 8.33 15.63 0.12
C5 NAG D . 8.68 15.88 -1.35
C6 NAG D . 9.05 17.32 -1.64
C7 NAG D . 9.49 10.89 0.27
C8 NAG D . 8.91 9.52 0.16
N2 NAG D . 8.75 11.88 -0.26
O3 NAG D . 8.01 13.86 1.75
O4 NAG D . 7.15 16.38 0.41
O5 NAG D . 9.81 15.08 -1.68
O6 NAG D . 10.24 17.68 -0.95
O7 NAG D . 10.58 11.11 0.80
C1 GAL D . 7.35 17.33 1.46
C2 GAL D . 5.96 17.91 1.92
C3 GAL D . 6.04 18.73 3.22
C4 GAL D . 6.88 18.00 4.27
C5 GAL D . 8.22 17.60 3.65
C6 GAL D . 9.16 16.86 4.57
O2 GAL D . 5.36 18.77 0.90
O3 GAL D . 4.74 18.97 3.79
O4 GAL D . 6.20 16.84 4.71
O5 GAL D . 8.03 16.72 2.51
O6 GAL D . 10.31 16.42 3.84
C1 MAN D . 5.43 9.76 -10.78
C2 MAN D . 3.96 10.26 -10.65
C3 MAN D . 3.12 9.12 -10.09
C4 MAN D . 3.21 7.95 -11.05
C5 MAN D . 4.72 7.56 -11.32
C6 MAN D . 4.83 6.55 -12.42
O2 MAN D . 3.38 10.59 -11.95
O3 MAN D . 1.74 9.47 -9.84
O4 MAN D . 2.47 6.82 -10.55
O5 MAN D . 5.51 8.75 -11.72
O6 MAN D . 6.20 6.48 -12.83
C1 NAG E . -0.90 5.72 -23.29
C2 NAG E . 0.57 5.67 -22.80
C3 NAG E . 0.90 4.28 -22.27
C4 NAG E . -0.13 3.85 -21.22
C5 NAG E . -1.51 3.91 -21.86
C6 NAG E . -2.61 3.54 -20.90
C7 NAG E . 2.81 6.01 -23.83
C8 NAG E . 3.53 6.46 -25.06
N2 NAG E . 1.47 6.05 -23.88
O3 NAG E . 2.19 4.28 -21.67
O4 NAG E . 0.14 2.58 -20.65
O5 NAG E . -1.76 5.26 -22.26
O6 NAG E . -2.73 4.56 -19.93
O7 NAG E . 3.43 5.61 -22.84
C1 NAG E . 0.59 2.80 -19.28
C2 NAG E . 0.32 1.60 -18.36
C3 NAG E . 0.82 1.90 -16.95
C4 NAG E . 2.32 2.24 -16.99
C5 NAG E . 2.55 3.40 -17.95
C6 NAG E . 4.02 3.71 -18.16
C7 NAG E . -1.54 0.03 -18.63
C8 NAG E . -0.51 -1.00 -19.01
N2 NAG E . -1.09 1.25 -18.33
O3 NAG E . 0.59 0.80 -16.09
O4 NAG E . 2.78 2.61 -15.69
O5 NAG E . 2.01 3.11 -19.26
O6 NAG E . 4.21 4.97 -18.79
O7 NAG E . -2.74 -0.25 -18.60
C1 BMA E . 3.53 1.58 -15.02
C2 BMA E . 4.70 2.21 -14.14
C3 BMA E . 5.36 1.13 -13.30
C4 BMA E . 4.28 0.43 -12.48
C5 BMA E . 3.32 -0.28 -13.44
C6 BMA E . 2.27 -1.10 -12.74
O2 BMA E . 4.21 3.16 -13.19
O3 BMA E . 6.33 1.65 -12.43
O4 BMA E . 4.87 -0.50 -11.59
O5 BMA E . 2.66 0.73 -14.24
O6 BMA E . 1.47 -1.77 -13.73
C1 MAN E . 0.43 -2.55 -13.11
C2 MAN E . -0.36 -3.26 -14.24
C3 MAN E . -1.09 -2.20 -15.08
C4 MAN E . -1.97 -1.27 -14.20
C5 MAN E . -1.10 -0.66 -13.06
C6 MAN E . -1.82 0.22 -12.04
O2 MAN E . -1.39 -4.09 -13.70
O3 MAN E . -1.85 -2.78 -16.13
O4 MAN E . -2.50 -0.22 -14.99
O5 MAN E . -0.44 -1.74 -12.32
O6 MAN E . -0.82 0.94 -11.29
C1 NAG E . -0.99 -5.47 -13.64
C2 NAG E . -2.16 -6.30 -13.10
C3 NAG E . -1.77 -7.78 -13.05
C4 NAG E . -1.09 -8.27 -14.33
C5 NAG E . -0.10 -7.26 -14.91
C6 NAG E . 0.27 -7.57 -16.34
C7 NAG E . -3.21 -4.66 -11.58
C8 NAG E . -3.60 -4.37 -10.16
N2 NAG E . -2.60 -5.83 -11.80
O3 NAG E . -2.95 -8.55 -12.81
O4 NAG E . -0.35 -9.44 -13.99
O5 NAG E . -0.62 -5.92 -14.91
O6 NAG E . -0.68 -8.42 -16.97
O7 NAG E . -3.42 -3.85 -12.48
C1 GAL E . -0.71 -10.66 -14.68
C2 GAL E . 0.30 -11.80 -14.30
C3 GAL E . -0.01 -13.12 -15.05
C4 GAL E . -1.49 -13.52 -14.86
C5 GAL E . -2.40 -12.29 -15.15
C6 GAL E . -3.88 -12.46 -14.89
O2 GAL E . 1.66 -11.48 -14.59
O3 GAL E . 0.78 -14.19 -14.57
O4 GAL E . -1.71 -14.01 -13.57
O5 GAL E . -2.03 -11.11 -14.40
O6 GAL E . -4.53 -11.23 -15.15
C1 MAN E . 7.67 1.56 -12.97
C2 MAN E . 8.47 0.53 -12.18
C3 MAN E . 8.41 0.88 -10.67
C4 MAN E . 8.59 2.41 -10.39
C5 MAN E . 8.05 3.36 -11.52
C6 MAN E . 8.68 4.73 -11.48
O2 MAN E . 9.89 0.57 -12.51
O3 MAN E . 9.34 0.11 -9.91
O4 MAN E . 7.90 2.74 -9.18
O5 MAN E . 8.24 2.81 -12.84
O6 MAN E . 8.32 5.30 -10.25
C1 FUC F . 18.66 11.97 -6.59
C2 FUC F . 19.35 10.64 -6.84
C3 FUC F . 19.83 10.54 -8.27
C4 FUC F . 20.88 11.61 -8.53
C5 FUC F . 20.30 13.01 -8.33
C6 FUC F . 21.38 14.12 -8.11
O2 FUC F . 18.53 9.54 -6.53
O3 FUC F . 20.47 9.29 -8.44
O4 FUC F . 22.00 11.42 -7.66
O5 FUC F . 19.31 13.13 -7.20
C1 NAG G . 4.57 32.56 -24.14
C2 NAG G . 4.53 34.06 -24.46
C3 NAG G . 3.27 34.69 -23.88
C4 NAG G . 2.03 33.93 -24.35
C5 NAG G . 2.17 32.44 -24.04
C6 NAG G . 1.02 31.61 -24.59
C7 NAG G . 6.08 35.97 -24.37
C8 NAG G . 7.35 36.52 -23.76
N2 NAG G . 5.72 34.74 -23.97
O3 NAG G . 3.17 36.05 -24.29
O4 NAG G . 0.86 34.45 -23.71
O5 NAG G . 3.37 31.92 -24.63
O6 NAG G . 1.11 31.44 -26.00
O7 NAG G . 5.42 36.61 -25.17
C1 FUC H . -4.22 2.56 -18.01
C2 FUC H . -3.86 3.42 -16.80
C3 FUC H . -3.96 4.92 -17.14
C4 FUC H . -5.35 5.22 -17.71
C5 FUC H . -5.56 4.38 -18.96
C6 FUC H . -6.95 4.54 -19.56
O2 FUC H . -2.58 3.08 -16.28
O3 FUC H . -3.73 5.73 -15.99
O4 FUC H . -6.36 4.90 -16.74
O5 FUC H . -5.41 2.97 -18.68
#